data_5QI1
#
_entry.id   5QI1
#
_cell.length_a   34.499
_cell.length_b   41.555
_cell.length_c   110.750
_cell.angle_alpha   90.000
_cell.angle_beta   90.000
_cell.angle_gamma   90.000
#
_symmetry.space_group_name_H-M   'P 21 21 21'
#
loop_
_entity.id
_entity.type
_entity.pdbx_description
1 polymer 'Poly [ADP-ribose] polymerase 14'
2 non-polymer 'CHLORIDE ION'
3 non-polymer 'DIMETHYL SULFOXIDE'
4 non-polymer ~{N}-propan-2-ylquinoline-2-carboxamide
5 water water
#
_entity_poly.entity_id   1
_entity_poly.type   'polypeptide(L)'
_entity_poly.pdbx_seq_one_letter_code
;SMFYGTVSSPDSGVYEMKIGSIIFQVASGDITKEEADVIVNSTSNSFNLKAGVSKAILECAGQNVERECSQQAQQRKNDY
IITGGGFLRCKNIIHVIGGNDVKSSVSSVLQECEKKNYSSICLPAIGTGNAKQHPDKVAEAIIDAIEDFVQKGSAQSVKK
VKVVIFLPQVLDVFYANMKKREG
;
_entity_poly.pdbx_strand_id   A
#
# COMPACT_ATOMS: atom_id res chain seq x y z
N MET A 2 17.08 -15.68 3.63
CA MET A 2 17.34 -15.02 4.94
C MET A 2 16.12 -14.51 5.71
N PHE A 3 14.99 -14.37 4.99
CA PHE A 3 13.79 -13.64 5.45
C PHE A 3 12.42 -14.29 5.22
N TYR A 4 12.24 -15.07 4.15
CA TYR A 4 10.91 -15.49 3.69
C TYR A 4 10.40 -16.78 4.31
N GLY A 5 9.18 -16.72 4.83
CA GLY A 5 8.46 -17.90 5.30
C GLY A 5 7.69 -18.61 4.15
N THR A 6 6.62 -19.28 4.53
CA THR A 6 5.84 -20.16 3.64
C THR A 6 4.53 -19.47 3.23
N VAL A 7 4.12 -19.60 1.96
CA VAL A 7 2.84 -19.05 1.49
C VAL A 7 1.68 -19.99 1.91
N SER A 8 0.66 -19.44 2.57
CA SER A 8 -0.58 -20.19 2.90
C SER A 8 -1.80 -19.28 2.73
N SER A 9 -2.99 -19.85 2.90
CA SER A 9 -4.24 -19.10 2.83
C SER A 9 -5.02 -19.20 4.15
N PRO A 10 -4.98 -18.13 4.99
CA PRO A 10 -5.58 -18.22 6.34
C PRO A 10 -7.09 -18.03 6.33
N ASP A 11 -7.60 -17.39 5.29
CA ASP A 11 -9.02 -17.06 5.15
C ASP A 11 -9.31 -17.11 3.65
N SER A 12 -10.57 -17.34 3.29
CA SER A 12 -10.96 -17.40 1.88
C SER A 12 -10.50 -16.15 1.11
N GLY A 13 -9.79 -16.39 0.01
CA GLY A 13 -9.30 -15.30 -0.86
C GLY A 13 -8.10 -14.51 -0.33
N VAL A 14 -7.55 -14.87 0.83
CA VAL A 14 -6.41 -14.17 1.40
C VAL A 14 -5.17 -15.13 1.32
N TYR A 15 -4.01 -14.60 0.89
CA TYR A 15 -2.76 -15.35 0.84
C TYR A 15 -1.73 -14.60 1.65
N GLU A 16 -0.93 -15.31 2.43
CA GLU A 16 0.02 -14.66 3.35
C GLU A 16 1.37 -15.38 3.41
N MET A 17 2.42 -14.63 3.77
N MET A 17 2.41 -14.63 3.81
CA MET A 17 3.69 -15.22 4.18
CA MET A 17 3.81 -15.12 3.92
C MET A 17 4.41 -14.24 5.10
C MET A 17 4.54 -14.22 4.95
N LYS A 18 5.30 -14.78 5.91
CA LYS A 18 6.18 -13.95 6.75
C LYS A 18 7.36 -13.40 5.92
N ILE A 19 7.70 -12.13 6.18
CA ILE A 19 8.93 -11.49 5.68
C ILE A 19 9.62 -10.94 6.95
N GLY A 20 10.62 -11.67 7.47
CA GLY A 20 11.12 -11.39 8.79
C GLY A 20 9.98 -11.49 9.80
N SER A 21 9.84 -10.45 10.63
CA SER A 21 8.77 -10.38 11.64
C SER A 21 7.40 -9.86 11.11
N ILE A 22 7.33 -9.43 9.85
CA ILE A 22 6.10 -8.84 9.28
C ILE A 22 5.26 -9.94 8.58
N ILE A 23 3.95 -9.92 8.83
N ILE A 23 3.95 -9.94 8.82
CA ILE A 23 2.99 -10.74 8.07
CA ILE A 23 3.07 -10.78 8.01
C ILE A 23 2.60 -9.92 6.79
C ILE A 23 2.58 -9.97 6.79
N PHE A 24 2.94 -10.46 5.60
CA PHE A 24 2.58 -9.86 4.31
C PHE A 24 1.39 -10.63 3.72
N GLN A 25 0.32 -9.91 3.38
CA GLN A 25 -0.91 -10.54 2.86
C GLN A 25 -1.33 -9.86 1.55
N VAL A 26 -2.01 -10.62 0.69
CA VAL A 26 -2.67 -10.11 -0.51
C VAL A 26 -4.09 -10.67 -0.60
N ALA A 27 -4.98 -9.87 -1.18
CA ALA A 27 -6.39 -10.26 -1.43
C ALA A 27 -6.98 -9.34 -2.52
N SER A 28 -8.01 -9.78 -3.22
N SER A 28 -8.05 -9.76 -3.17
N SER A 28 -8.04 -9.77 -3.19
CA SER A 28 -8.77 -8.87 -4.10
CA SER A 28 -8.79 -8.91 -4.11
CA SER A 28 -8.77 -8.88 -4.12
C SER A 28 -9.92 -8.25 -3.32
C SER A 28 -10.03 -8.32 -3.43
C SER A 28 -10.04 -8.32 -3.46
N GLY A 29 -10.35 -7.06 -3.76
CA GLY A 29 -11.52 -6.38 -3.16
C GLY A 29 -11.47 -4.86 -3.22
N ASP A 30 -12.42 -4.22 -2.51
CA ASP A 30 -12.56 -2.77 -2.38
C ASP A 30 -11.78 -2.31 -1.12
N ILE A 31 -10.68 -1.62 -1.35
CA ILE A 31 -9.81 -1.16 -0.26
C ILE A 31 -10.50 -0.19 0.74
N THR A 32 -11.57 0.51 0.29
CA THR A 32 -12.27 1.47 1.19
C THR A 32 -13.09 0.81 2.30
N LYS A 33 -13.25 -0.52 2.23
CA LYS A 33 -13.93 -1.30 3.25
C LYS A 33 -12.95 -1.89 4.31
N GLU A 34 -11.64 -1.66 4.16
CA GLU A 34 -10.64 -2.19 5.08
C GLU A 34 -10.46 -1.31 6.32
N GLU A 35 -10.03 -1.95 7.42
CA GLU A 35 -9.59 -1.25 8.63
C GLU A 35 -8.08 -1.48 8.83
N ALA A 36 -7.31 -0.40 9.06
CA ALA A 36 -5.85 -0.49 9.29
C ALA A 36 -5.42 0.83 9.94
N ASP A 37 -4.25 0.86 10.57
CA ASP A 37 -3.76 2.15 11.07
C ASP A 37 -3.57 3.17 9.91
N VAL A 38 -2.96 2.71 8.80
CA VAL A 38 -2.79 3.53 7.59
C VAL A 38 -3.39 2.81 6.39
N ILE A 39 -4.16 3.57 5.58
CA ILE A 39 -4.55 3.18 4.21
C ILE A 39 -3.79 4.08 3.22
N VAL A 40 -3.24 3.46 2.17
CA VAL A 40 -2.50 4.20 1.13
C VAL A 40 -3.39 4.49 -0.10
N ASN A 41 -3.32 5.73 -0.59
CA ASN A 41 -3.96 6.16 -1.85
C ASN A 41 -2.88 6.32 -2.93
N SER A 42 -3.15 5.85 -4.14
CA SER A 42 -2.24 6.00 -5.31
C SER A 42 -2.86 7.08 -6.21
N THR A 43 -2.24 8.25 -6.28
CA THR A 43 -2.84 9.44 -6.90
C THR A 43 -1.85 10.15 -7.86
N SER A 44 -2.25 11.32 -8.33
CA SER A 44 -1.45 12.18 -9.21
C SER A 44 -0.51 13.09 -8.43
N ASN A 45 0.38 13.77 -9.14
CA ASN A 45 1.33 14.71 -8.46
C ASN A 45 0.67 15.97 -7.87
N SER A 46 -0.61 16.19 -8.19
CA SER A 46 -1.48 17.25 -7.64
C SER A 46 -2.34 16.81 -6.44
N PHE A 47 -2.34 15.51 -6.16
CA PHE A 47 -3.07 14.92 -5.03
C PHE A 47 -4.59 15.18 -5.10
N ASN A 48 -5.11 15.27 -6.34
CA ASN A 48 -6.53 15.58 -6.58
C ASN A 48 -7.15 14.67 -7.68
N LEU A 49 -6.51 13.56 -8.00
CA LEU A 49 -7.08 12.61 -8.94
C LEU A 49 -8.32 11.95 -8.31
N LYS A 50 -9.34 11.72 -9.14
CA LYS A 50 -10.53 11.03 -8.69
C LYS A 50 -10.95 10.04 -9.78
N ALA A 51 -10.06 9.07 -10.00
CA ALA A 51 -10.22 8.01 -11.00
C ALA A 51 -9.77 6.67 -10.39
N GLY A 52 -10.56 5.62 -10.61
CA GLY A 52 -10.23 4.29 -10.08
C GLY A 52 -10.14 4.28 -8.57
N VAL A 53 -9.07 3.68 -8.04
N VAL A 53 -9.07 3.73 -8.02
CA VAL A 53 -8.88 3.61 -6.59
CA VAL A 53 -8.99 3.60 -6.55
C VAL A 53 -8.98 5.00 -5.92
C VAL A 53 -8.76 4.94 -5.82
N SER A 54 -8.35 6.01 -6.53
CA SER A 54 -8.36 7.39 -5.97
C SER A 54 -9.77 7.98 -5.87
N LYS A 55 -10.62 7.68 -6.87
CA LYS A 55 -12.05 8.09 -6.81
C LYS A 55 -12.73 7.52 -5.57
N ALA A 56 -12.58 6.20 -5.36
CA ALA A 56 -13.21 5.56 -4.22
C ALA A 56 -12.70 6.07 -2.88
N ILE A 57 -11.38 6.21 -2.77
CA ILE A 57 -10.77 6.72 -1.54
C ILE A 57 -11.24 8.17 -1.23
N LEU A 58 -11.15 9.09 -2.21
CA LEU A 58 -11.56 10.48 -1.91
C LEU A 58 -13.08 10.64 -1.62
N GLU A 59 -13.91 9.90 -2.34
CA GLU A 59 -15.36 9.95 -2.09
C GLU A 59 -15.75 9.39 -0.72
N CYS A 60 -15.17 8.25 -0.33
N CYS A 60 -15.13 8.28 -0.33
CA CYS A 60 -15.43 7.66 1.00
CA CYS A 60 -15.46 7.67 0.95
C CYS A 60 -14.85 8.51 2.12
C CYS A 60 -14.78 8.35 2.15
N ALA A 61 -13.60 8.97 1.94
CA ALA A 61 -12.92 9.75 2.99
C ALA A 61 -13.64 11.06 3.29
N GLY A 62 -14.08 11.75 2.22
CA GLY A 62 -14.92 12.95 2.33
C GLY A 62 -14.20 14.26 2.01
N GLN A 63 -14.98 15.34 2.01
CA GLN A 63 -14.50 16.64 1.53
C GLN A 63 -13.41 17.29 2.38
N ASN A 64 -13.43 17.08 3.71
CA ASN A 64 -12.36 17.61 4.57
C ASN A 64 -10.98 17.02 4.19
N VAL A 65 -10.92 15.74 3.84
CA VAL A 65 -9.67 15.13 3.37
C VAL A 65 -9.27 15.67 2.00
N GLU A 66 -10.24 15.84 1.09
CA GLU A 66 -9.95 16.48 -0.21
C GLU A 66 -9.30 17.85 -0.06
N ARG A 67 -9.84 18.67 0.85
CA ARG A 67 -9.29 20.01 1.12
C ARG A 67 -7.91 19.99 1.83
N GLU A 68 -7.69 19.04 2.76
CA GLU A 68 -6.34 18.82 3.34
C GLU A 68 -5.30 18.56 2.23
N CYS A 69 -5.67 17.71 1.27
CA CYS A 69 -4.80 17.40 0.13
C CYS A 69 -4.37 18.64 -0.72
N SER A 70 -5.34 19.44 -1.15
N SER A 70 -5.34 19.43 -1.16
CA SER A 70 -5.05 20.58 -2.02
CA SER A 70 -5.04 20.59 -2.03
C SER A 70 -4.34 21.73 -1.28
C SER A 70 -4.28 21.69 -1.26
N GLN A 71 -4.60 21.83 0.02
CA GLN A 71 -3.90 22.78 0.92
C GLN A 71 -2.41 22.42 1.04
N GLN A 72 -2.07 21.14 1.31
CA GLN A 72 -0.66 20.75 1.37
C GLN A 72 0.05 20.82 0.00
N ALA A 73 -0.66 20.47 -1.08
CA ALA A 73 -0.09 20.52 -2.44
C ALA A 73 0.41 21.91 -2.86
N GLN A 74 -0.31 22.94 -2.44
CA GLN A 74 0.07 24.34 -2.74
C GLN A 74 1.18 24.91 -1.82
N GLN A 75 1.37 24.29 -0.66
CA GLN A 75 2.39 24.74 0.32
C GLN A 75 3.85 24.46 -0.07
N ARG A 76 4.10 23.30 -0.68
CA ARG A 76 5.47 22.88 -1.05
C ARG A 76 5.41 21.79 -2.12
N LYS A 77 6.57 21.43 -2.70
CA LYS A 77 6.67 20.25 -3.60
C LYS A 77 6.80 18.96 -2.76
N ASN A 78 5.78 18.11 -2.80
CA ASN A 78 5.73 16.88 -2.00
C ASN A 78 5.88 15.63 -2.85
N ASP A 79 6.68 14.65 -2.41
CA ASP A 79 6.70 13.31 -3.01
C ASP A 79 5.47 12.48 -2.55
N TYR A 80 4.92 12.80 -1.37
CA TYR A 80 3.72 12.16 -0.79
C TYR A 80 3.18 13.10 0.29
N ILE A 81 1.91 12.90 0.67
CA ILE A 81 1.32 13.68 1.77
C ILE A 81 0.55 12.75 2.74
N ILE A 82 0.50 13.19 4.00
CA ILE A 82 -0.20 12.48 5.08
C ILE A 82 -1.39 13.33 5.51
N THR A 83 -2.61 12.75 5.48
CA THR A 83 -3.82 13.42 5.94
C THR A 83 -4.50 12.58 7.02
N GLY A 84 -5.54 13.14 7.62
CA GLY A 84 -6.46 12.34 8.37
C GLY A 84 -7.16 11.27 7.53
N GLY A 85 -7.87 10.39 8.24
CA GLY A 85 -8.63 9.29 7.67
C GLY A 85 -10.03 9.63 7.18
N GLY A 86 -10.56 10.77 7.63
CA GLY A 86 -11.91 11.17 7.27
C GLY A 86 -12.87 10.07 7.70
N PHE A 87 -13.78 9.69 6.79
CA PHE A 87 -14.70 8.57 7.04
C PHE A 87 -14.24 7.14 6.64
N LEU A 88 -12.97 7.00 6.32
CA LEU A 88 -12.36 5.66 6.20
C LEU A 88 -12.01 5.14 7.60
N ARG A 89 -11.90 3.81 7.70
CA ARG A 89 -11.54 3.13 8.96
C ARG A 89 -10.02 3.02 9.17
N CYS A 90 -9.40 4.18 9.34
CA CYS A 90 -7.97 4.27 9.54
C CYS A 90 -7.66 5.51 10.35
N LYS A 91 -6.42 5.58 10.87
CA LYS A 91 -5.93 6.76 11.63
C LYS A 91 -5.37 7.84 10.69
N ASN A 92 -4.71 7.42 9.59
CA ASN A 92 -4.19 8.38 8.58
C ASN A 92 -4.28 7.74 7.20
N ILE A 93 -4.40 8.58 6.17
CA ILE A 93 -4.21 8.16 4.77
C ILE A 93 -2.85 8.74 4.33
N ILE A 94 -2.03 7.88 3.69
CA ILE A 94 -0.79 8.38 3.05
C ILE A 94 -1.04 8.32 1.52
N HIS A 95 -0.98 9.51 0.88
CA HIS A 95 -1.26 9.66 -0.55
C HIS A 95 0.08 9.69 -1.27
N VAL A 96 0.36 8.64 -2.05
CA VAL A 96 1.62 8.52 -2.82
C VAL A 96 1.29 8.77 -4.31
N ILE A 97 2.32 9.11 -5.09
CA ILE A 97 2.16 9.44 -6.51
C ILE A 97 2.34 8.13 -7.32
N GLY A 98 1.27 7.71 -8.02
CA GLY A 98 1.29 6.45 -8.75
C GLY A 98 2.40 6.29 -9.77
N GLY A 99 2.83 7.40 -10.39
CA GLY A 99 3.91 7.37 -11.38
C GLY A 99 5.31 7.31 -10.81
N ASN A 100 5.47 7.54 -9.51
CA ASN A 100 6.80 7.53 -8.89
C ASN A 100 7.32 6.09 -8.71
N ASP A 101 8.64 5.99 -8.44
N ASP A 101 8.62 5.99 -8.45
CA ASP A 101 9.28 4.70 -8.13
CA ASP A 101 9.26 4.72 -8.14
C ASP A 101 8.51 4.03 -6.96
C ASP A 101 8.54 4.03 -6.97
N VAL A 102 7.97 2.84 -7.21
CA VAL A 102 7.09 2.17 -6.23
C VAL A 102 7.88 1.70 -4.99
N LYS A 103 9.10 1.20 -5.20
CA LYS A 103 9.92 0.79 -4.03
C LYS A 103 10.16 1.97 -3.09
N SER A 104 10.55 3.12 -3.67
N SER A 104 10.53 3.12 -3.66
CA SER A 104 10.72 4.36 -2.89
CA SER A 104 10.71 4.32 -2.84
C SER A 104 9.45 4.77 -2.11
C SER A 104 9.44 4.75 -2.09
N SER A 105 8.31 4.73 -2.80
CA SER A 105 7.01 5.10 -2.16
C SER A 105 6.68 4.19 -0.96
N VAL A 106 6.84 2.87 -1.15
CA VAL A 106 6.55 1.92 -0.06
C VAL A 106 7.55 2.08 1.11
N SER A 107 8.84 2.29 0.78
CA SER A 107 9.83 2.57 1.84
C SER A 107 9.42 3.79 2.69
N SER A 108 8.94 4.86 2.04
CA SER A 108 8.47 6.06 2.77
C SER A 108 7.25 5.76 3.65
N VAL A 109 6.28 5.00 3.13
CA VAL A 109 5.12 4.61 3.93
C VAL A 109 5.55 3.83 5.20
N LEU A 110 6.44 2.85 5.03
CA LEU A 110 6.92 2.05 6.18
C LEU A 110 7.60 2.94 7.25
N GLN A 111 8.48 3.86 6.79
CA GLN A 111 9.18 4.77 7.70
C GLN A 111 8.22 5.69 8.48
N GLU A 112 7.22 6.23 7.76
CA GLU A 112 6.22 7.08 8.40
C GLU A 112 5.36 6.32 9.45
N CYS A 113 5.05 5.06 9.14
CA CYS A 113 4.29 4.24 10.08
C CYS A 113 5.11 3.91 11.35
N GLU A 114 6.42 3.64 11.22
CA GLU A 114 7.28 3.47 12.41
C GLU A 114 7.33 4.73 13.26
N LYS A 115 7.41 5.90 12.62
CA LYS A 115 7.44 7.17 13.33
C LYS A 115 6.20 7.36 14.22
N LYS A 116 5.05 6.85 13.78
CA LYS A 116 3.80 6.94 14.54
C LYS A 116 3.52 5.72 15.45
N ASN A 117 4.46 4.75 15.50
CA ASN A 117 4.27 3.51 16.26
C ASN A 117 3.04 2.71 15.81
N TYR A 118 2.74 2.78 14.51
CA TYR A 118 1.62 2.01 13.93
C TYR A 118 2.00 0.55 13.63
N SER A 119 0.99 -0.32 13.69
CA SER A 119 1.19 -1.77 13.49
C SER A 119 0.68 -2.32 12.14
N SER A 120 -0.36 -1.70 11.54
CA SER A 120 -0.97 -2.25 10.33
C SER A 120 -1.08 -1.23 9.20
N ILE A 121 -0.87 -1.74 7.98
CA ILE A 121 -0.91 -0.93 6.73
C ILE A 121 -1.75 -1.70 5.71
N CYS A 122 -2.59 -0.98 4.94
N CYS A 122 -2.58 -0.97 4.95
CA CYS A 122 -3.25 -1.56 3.77
CA CYS A 122 -3.28 -1.49 3.77
C CYS A 122 -2.99 -0.65 2.56
C CYS A 122 -2.92 -0.62 2.57
N LEU A 123 -2.57 -1.25 1.44
CA LEU A 123 -2.22 -0.50 0.22
C LEU A 123 -2.86 -1.15 -1.00
N PRO A 124 -3.05 -0.37 -2.08
CA PRO A 124 -3.45 -0.92 -3.37
C PRO A 124 -2.22 -1.39 -4.16
N ALA A 125 -2.44 -1.93 -5.38
CA ALA A 125 -1.32 -2.22 -6.29
C ALA A 125 -0.84 -0.89 -6.93
N ILE A 126 -0.08 -0.13 -6.14
CA ILE A 126 0.34 1.25 -6.44
C ILE A 126 0.91 1.33 -7.86
N GLY A 127 0.43 2.28 -8.67
CA GLY A 127 0.94 2.50 -10.03
C GLY A 127 0.25 1.76 -11.15
N THR A 128 -0.62 0.77 -10.82
CA THR A 128 -1.23 -0.04 -11.89
C THR A 128 -2.51 0.56 -12.48
N GLY A 129 -2.96 1.68 -11.90
CA GLY A 129 -4.13 2.42 -12.38
C GLY A 129 -3.78 3.45 -13.45
N ASN A 130 -4.11 4.72 -13.21
CA ASN A 130 -3.87 5.78 -14.23
C ASN A 130 -2.39 5.82 -14.67
N ALA A 131 -1.45 5.50 -13.77
CA ALA A 131 -0.03 5.58 -14.11
C ALA A 131 0.44 4.47 -15.07
N LYS A 132 -0.32 3.37 -15.15
CA LYS A 132 -0.06 2.30 -16.12
C LYS A 132 1.38 1.74 -16.02
N GLN A 133 1.86 1.56 -14.77
CA GLN A 133 3.04 0.72 -14.50
C GLN A 133 2.64 -0.77 -14.60
N HIS A 134 3.56 -1.61 -15.03
N HIS A 134 3.59 -1.62 -15.01
CA HIS A 134 3.24 -3.02 -15.26
CA HIS A 134 3.39 -3.06 -15.22
C HIS A 134 3.12 -3.79 -13.93
C HIS A 134 3.15 -3.81 -13.89
N PRO A 135 2.05 -4.60 -13.78
CA PRO A 135 1.82 -5.33 -12.52
C PRO A 135 2.98 -6.18 -12.00
N ASP A 136 3.72 -6.82 -12.92
N ASP A 136 3.75 -6.94 -12.79
CA ASP A 136 4.85 -7.67 -12.52
CA ASP A 136 4.85 -7.72 -12.12
C ASP A 136 5.97 -6.89 -11.81
C ASP A 136 5.99 -6.82 -11.65
N LYS A 137 6.25 -5.70 -12.33
CA LYS A 137 7.27 -4.77 -11.78
C LYS A 137 6.78 -4.13 -10.46
N VAL A 138 5.48 -3.83 -10.39
CA VAL A 138 4.90 -3.26 -9.16
C VAL A 138 4.97 -4.27 -8.00
N ALA A 139 4.60 -5.54 -8.25
CA ALA A 139 4.68 -6.58 -7.19
C ALA A 139 6.13 -6.74 -6.71
N GLU A 140 7.09 -6.82 -7.66
CA GLU A 140 8.50 -6.97 -7.30
C GLU A 140 8.99 -5.80 -6.40
N ALA A 141 8.55 -4.57 -6.73
CA ALA A 141 8.97 -3.37 -6.00
C ALA A 141 8.39 -3.30 -4.60
N ILE A 142 7.09 -3.63 -4.45
CA ILE A 142 6.44 -3.60 -3.12
C ILE A 142 7.14 -4.61 -2.18
N ILE A 143 7.35 -5.84 -2.67
CA ILE A 143 7.94 -6.87 -1.81
C ILE A 143 9.43 -6.55 -1.53
N ASP A 144 10.17 -6.04 -2.53
CA ASP A 144 11.57 -5.60 -2.30
C ASP A 144 11.66 -4.53 -1.21
N ALA A 145 10.71 -3.57 -1.18
CA ALA A 145 10.75 -2.52 -0.15
C ALA A 145 10.62 -3.11 1.24
N ILE A 146 9.71 -4.08 1.40
CA ILE A 146 9.50 -4.70 2.70
C ILE A 146 10.76 -5.52 3.12
N GLU A 147 11.33 -6.28 2.17
CA GLU A 147 12.58 -7.00 2.44
C GLU A 147 13.72 -6.07 2.92
N ASP A 148 13.92 -4.95 2.23
CA ASP A 148 14.97 -3.99 2.60
C ASP A 148 14.75 -3.43 4.03
N PHE A 149 13.49 -3.09 4.33
N PHE A 149 13.49 -3.09 4.33
CA PHE A 149 13.09 -2.54 5.65
CA PHE A 149 13.14 -2.54 5.65
C PHE A 149 13.42 -3.52 6.78
C PHE A 149 13.48 -3.54 6.77
N VAL A 150 13.11 -4.80 6.54
CA VAL A 150 13.43 -5.89 7.50
C VAL A 150 14.95 -6.11 7.62
N GLN A 151 15.66 -6.13 6.48
CA GLN A 151 17.11 -6.38 6.45
C GLN A 151 17.87 -5.32 7.26
N LYS A 152 17.40 -4.07 7.20
CA LYS A 152 18.04 -2.94 7.90
C LYS A 152 17.70 -2.89 9.40
N GLY A 153 16.84 -3.81 9.87
CA GLY A 153 16.47 -3.84 11.27
C GLY A 153 15.45 -2.78 11.65
N SER A 154 14.70 -2.26 10.68
CA SER A 154 13.82 -1.11 10.90
C SER A 154 12.40 -1.47 11.40
N ALA A 155 12.00 -2.73 11.22
CA ALA A 155 10.65 -3.17 11.64
C ALA A 155 10.66 -3.36 13.16
N GLN A 156 9.87 -2.56 13.85
CA GLN A 156 9.71 -2.60 15.31
C GLN A 156 8.20 -2.57 15.65
N SER A 157 7.52 -1.47 15.30
N SER A 157 7.52 -1.47 15.30
CA SER A 157 6.07 -1.40 15.50
CA SER A 157 6.05 -1.39 15.49
C SER A 157 5.27 -2.07 14.37
C SER A 157 5.27 -2.07 14.37
N VAL A 158 5.73 -2.00 13.11
CA VAL A 158 4.96 -2.52 11.98
C VAL A 158 4.97 -4.06 12.01
N LYS A 159 3.76 -4.64 12.02
CA LYS A 159 3.55 -6.09 12.11
C LYS A 159 2.77 -6.71 10.94
N LYS A 160 1.97 -5.92 10.20
CA LYS A 160 1.11 -6.45 9.14
C LYS A 160 1.04 -5.46 7.98
N VAL A 161 1.30 -5.97 6.76
CA VAL A 161 1.21 -5.17 5.53
C VAL A 161 0.34 -5.97 4.55
N LYS A 162 -0.83 -5.40 4.18
CA LYS A 162 -1.80 -6.09 3.31
C LYS A 162 -2.02 -5.29 2.02
N VAL A 163 -1.94 -5.96 0.87
CA VAL A 163 -2.26 -5.35 -0.43
C VAL A 163 -3.66 -5.83 -0.84
N VAL A 164 -4.60 -4.88 -0.94
CA VAL A 164 -5.98 -5.19 -1.41
C VAL A 164 -6.06 -4.65 -2.85
N ILE A 165 -6.34 -5.55 -3.78
CA ILE A 165 -6.12 -5.37 -5.22
C ILE A 165 -7.47 -5.41 -5.96
N PHE A 166 -7.76 -4.38 -6.74
CA PHE A 166 -9.07 -4.27 -7.39
C PHE A 166 -9.37 -5.40 -8.39
N LEU A 167 -8.39 -5.70 -9.22
CA LEU A 167 -8.57 -6.77 -10.23
C LEU A 167 -7.99 -8.13 -9.84
N PRO A 168 -8.85 -9.18 -9.85
CA PRO A 168 -8.31 -10.52 -9.58
C PRO A 168 -7.09 -10.92 -10.43
N GLN A 169 -7.03 -10.49 -11.68
CA GLN A 169 -5.86 -10.81 -12.53
C GLN A 169 -4.51 -10.24 -11.99
N VAL A 170 -4.56 -9.10 -11.35
CA VAL A 170 -3.36 -8.51 -10.71
C VAL A 170 -2.99 -9.31 -9.43
N LEU A 171 -4.00 -9.73 -8.69
N LEU A 171 -4.00 -9.76 -8.68
CA LEU A 171 -3.74 -10.63 -7.54
CA LEU A 171 -3.76 -10.65 -7.54
C LEU A 171 -2.95 -11.88 -7.96
C LEU A 171 -2.97 -11.90 -7.95
N ASP A 172 -3.27 -12.47 -9.11
CA ASP A 172 -2.53 -13.66 -9.57
C ASP A 172 -1.01 -13.39 -9.73
N VAL A 173 -0.68 -12.20 -10.24
CA VAL A 173 0.70 -11.78 -10.41
C VAL A 173 1.43 -11.65 -9.04
N PHE A 174 0.76 -11.06 -8.05
CA PHE A 174 1.33 -10.96 -6.69
C PHE A 174 1.55 -12.34 -6.05
N TYR A 175 0.58 -13.23 -6.18
N TYR A 175 0.56 -13.23 -6.18
CA TYR A 175 0.72 -14.57 -5.60
CA TYR A 175 0.66 -14.62 -5.66
C TYR A 175 1.90 -15.34 -6.25
C TYR A 175 1.89 -15.33 -6.25
N ALA A 176 2.07 -15.23 -7.57
CA ALA A 176 3.21 -15.88 -8.23
C ALA A 176 4.56 -15.33 -7.71
N ASN A 177 4.61 -14.01 -7.45
CA ASN A 177 5.85 -13.41 -6.92
C ASN A 177 6.15 -13.95 -5.49
N MET A 178 5.12 -14.04 -4.65
CA MET A 178 5.28 -14.65 -3.32
C MET A 178 5.84 -16.10 -3.39
N LYS A 179 5.28 -16.92 -4.30
CA LYS A 179 5.74 -18.31 -4.46
C LYS A 179 7.19 -18.38 -4.97
N LYS A 180 7.59 -17.42 -5.81
CA LYS A 180 8.99 -17.35 -6.27
C LYS A 180 9.94 -17.17 -5.07
N ARG A 181 9.52 -16.34 -4.11
CA ARG A 181 10.38 -15.97 -2.97
C ARG A 181 10.36 -16.96 -1.78
N GLU A 182 9.34 -17.80 -1.69
CA GLU A 182 9.09 -18.55 -0.43
C GLU A 182 10.24 -19.46 -0.02
N GLY A 183 10.46 -19.62 1.28
CA GLY A 183 11.47 -20.53 1.80
C GLY A 183 11.24 -21.99 1.46
#